data_7U7O
#
_entry.id   7U7O
#
_cell.length_a   72.141
_cell.length_b   129.124
_cell.length_c   131.290
_cell.angle_alpha   90.000
_cell.angle_beta   90.000
_cell.angle_gamma   90.000
#
_symmetry.space_group_name_H-M   'I 2 2 2'
#
loop_
_entity.id
_entity.type
_entity.pdbx_description
1 polymer "DNA (5'-D(A*TP*AP*AP*TP*TP*AP*CP*CP*TP*GP*TP*GP*AP*CP*AP*AP*AP*TP*TP*GP*CP*CP*CP*TP*CP*AP*GP*AP*CP*GP*G)-3')"
2 polymer "DNA (5'-D(A*TP*AP*CP*CP*GP*TP*CP*TP*GP*AP*GP*GP*GP*CP*AP*AP*TP*TP*TP*GP*TP*CP*AP*CP*AP*GP*GP*TP*AP*AP*T)-3')"
3 polymer 'Replication initiation protein'
4 non-polymer 'MAGNESIUM ION'
5 water water
#
loop_
_entity_poly.entity_id
_entity_poly.type
_entity_poly.pdbx_seq_one_letter_code
_entity_poly.pdbx_strand_id
1 'polydeoxyribonucleotide'
;(DA)(DT)(DA)(DA)(DT)(DT)(DA)(DC)(DC)(DT)(DG)(DT)(DG)(DA)(DC)(DA)(DA)(DA)(DT)(DT)
(DG)(DC)(DC)(DC)(DT)(DC)(DA)(DG)(DA)(DC)(DG)(DG)
;
A
2 'polydeoxyribonucleotide'
;(DA)(DT)(DA)(DC)(DC)(DG)(DT)(DC)(DT)(DG)(DA)(DG)(DG)(DG)(DC)(DA)(DA)(DT)(DT)(DT)
(DG)(DT)(DC)(DA)(DC)(DA)(DG)(DG)(DT)(DA)(DA)(DT)
;
B
3 'polypeptide(L)'
;MRGSHHHHHHGSMAETAVINHKKRKNSPRIVQSNDLTEAAYSLSRDQKRMLYLFVDQIRKSDGTLQEHDGICEIHVAKYA
EIFGLTSAEASKDIRQALKSFAGKEVVFYRPEEDAGDEKGYESFPWFIKPAHSPSRGLYSVHINPYLIPFFIGLQNRFTQ
FRLSETKEITNPYAMRLYESLCQYRKPDGSGIVSLKIDWIIERYQLPQSYQRMPDFRRRFLQVCVNEINSRTPMRLSYIE
KKKGRQTTHIVFSFRDITSMTTG
;
C
#
loop_
_chem_comp.id
_chem_comp.type
_chem_comp.name
_chem_comp.formula
DA DNA linking 2'-DEOXYADENOSINE-5'-MONOPHOSPHATE 'C10 H14 N5 O6 P'
DC DNA linking 2'-DEOXYCYTIDINE-5'-MONOPHOSPHATE 'C9 H14 N3 O7 P'
DG DNA linking 2'-DEOXYGUANOSINE-5'-MONOPHOSPHATE 'C10 H14 N5 O7 P'
DT DNA linking THYMIDINE-5'-MONOPHOSPHATE 'C10 H15 N2 O8 P'
MG non-polymer 'MAGNESIUM ION' 'Mg 2'
#
# COMPACT_ATOMS: atom_id res chain seq x y z
N ASN C 26 -5.40 -6.50 -19.91
CA ASN C 26 -5.17 -7.05 -18.58
C ASN C 26 -5.73 -6.13 -17.51
N SER C 27 -4.87 -5.39 -16.82
CA SER C 27 -5.30 -4.42 -15.81
C SER C 27 -4.14 -3.47 -15.52
N PRO C 28 -4.40 -2.34 -14.87
CA PRO C 28 -3.35 -1.31 -14.72
C PRO C 28 -2.13 -1.83 -13.97
N ARG C 29 -0.95 -1.58 -14.52
CA ARG C 29 0.31 -2.00 -13.89
C ARG C 29 0.92 -0.88 -13.04
N ILE C 30 0.81 -0.97 -11.73
CA ILE C 30 1.48 -0.04 -10.81
C ILE C 30 2.96 -0.42 -10.71
N VAL C 31 3.84 0.57 -10.81
CA VAL C 31 5.24 0.39 -10.45
C VAL C 31 5.56 1.57 -9.54
N GLN C 32 6.45 1.32 -8.58
CA GLN C 32 6.83 2.34 -7.62
C GLN C 32 8.22 2.06 -7.08
N SER C 33 8.93 3.12 -6.72
CA SER C 33 10.22 2.97 -6.06
C SER C 33 10.07 2.19 -4.76
N ASN C 34 11.06 1.32 -4.50
CA ASN C 34 11.07 0.60 -3.23
C ASN C 34 11.04 1.56 -2.05
N ASP C 35 11.54 2.78 -2.22
CA ASP C 35 11.53 3.74 -1.13
C ASP C 35 10.11 4.09 -0.70
N LEU C 36 9.16 4.05 -1.63
CA LEU C 36 7.77 4.26 -1.25
C LEU C 36 7.18 3.01 -0.62
N THR C 37 7.51 1.83 -1.16
CA THR C 37 7.04 0.58 -0.57
C THR C 37 7.45 0.49 0.89
N GLU C 38 8.64 1.00 1.19
CA GLU C 38 9.25 0.92 2.51
C GLU C 38 9.17 2.24 3.26
N ALA C 39 8.38 3.19 2.78
CA ALA C 39 8.29 4.45 3.50
C ALA C 39 7.43 4.25 4.75
N ALA C 40 7.59 5.17 5.70
CA ALA C 40 6.77 5.16 6.90
C ALA C 40 5.62 6.14 6.74
N TYR C 41 4.41 5.62 6.81
CA TYR C 41 3.20 6.43 6.72
C TYR C 41 2.03 5.60 7.19
N SER C 42 0.91 6.27 7.42
CA SER C 42 -0.33 5.65 7.85
C SER C 42 -1.42 6.14 6.91
N LEU C 43 -1.85 5.29 5.99
CA LEU C 43 -2.93 5.61 5.08
C LEU C 43 -4.00 4.54 5.16
N SER C 44 -5.23 4.96 4.94
CA SER C 44 -6.35 4.05 4.87
C SER C 44 -6.35 3.28 3.54
N ARG C 45 -7.23 2.28 3.47
CA ARG C 45 -7.41 1.55 2.22
C ARG C 45 -7.77 2.51 1.10
N ASP C 46 -8.79 3.33 1.32
CA ASP C 46 -9.26 4.24 0.28
C ASP C 46 -8.14 5.19 -0.16
N GLN C 47 -7.36 5.69 0.80
CA GLN C 47 -6.28 6.59 0.45
C GLN C 47 -5.20 5.90 -0.35
N LYS C 48 -4.82 4.67 0.04
CA LYS C 48 -3.81 3.94 -0.73
C LYS C 48 -4.30 3.60 -2.13
N ARG C 49 -5.58 3.27 -2.26
CA ARG C 49 -6.17 3.00 -3.57
C ARG C 49 -6.07 4.23 -4.48
N MET C 50 -6.54 5.38 -3.98
CA MET C 50 -6.36 6.60 -4.77
C MET C 50 -4.89 6.82 -5.06
N LEU C 51 -4.03 6.58 -4.07
CA LEU C 51 -2.61 6.82 -4.27
C LEU C 51 -2.07 5.97 -5.41
N TYR C 52 -2.62 4.75 -5.57
CA TYR C 52 -2.18 3.90 -6.67
C TYR C 52 -2.55 4.56 -8.00
N LEU C 53 -3.70 5.22 -8.03
CA LEU C 53 -4.12 5.85 -9.28
C LEU C 53 -3.26 7.09 -9.55
N PHE C 54 -2.93 7.83 -8.49
CA PHE C 54 -2.02 8.97 -8.60
C PHE C 54 -0.68 8.55 -9.17
N VAL C 55 -0.09 7.49 -8.61
CA VAL C 55 1.18 6.97 -9.09
C VAL C 55 1.09 6.61 -10.57
N ASP C 56 -0.04 6.05 -11.00
CA ASP C 56 -0.21 5.76 -12.43
C ASP C 56 -0.25 7.03 -13.29
N GLN C 57 -1.00 8.03 -12.84
CA GLN C 57 -1.12 9.26 -13.60
C GLN C 57 0.25 9.90 -13.72
N ILE C 58 0.90 10.08 -12.57
CA ILE C 58 2.25 10.62 -12.51
C ILE C 58 3.15 9.90 -13.50
N ARG C 59 3.13 8.56 -13.47
CA ARG C 59 4.05 7.79 -14.28
C ARG C 59 3.84 8.02 -15.76
N LYS C 60 2.59 8.30 -16.18
CA LYS C 60 2.34 8.54 -17.60
C LYS C 60 3.31 9.57 -18.18
N SER C 61 3.40 10.74 -17.56
CA SER C 61 4.33 11.78 -18.03
C SER C 61 5.74 11.55 -17.47
N HIS C 68 4.88 16.35 -14.48
CA HIS C 68 5.77 16.95 -13.48
C HIS C 68 5.06 18.00 -12.62
N ASP C 69 3.78 18.30 -12.89
CA ASP C 69 3.19 19.39 -12.15
C ASP C 69 2.68 18.97 -10.78
N GLY C 70 2.43 17.70 -10.61
CA GLY C 70 2.02 17.15 -9.35
C GLY C 70 0.51 17.12 -9.24
N ILE C 71 -0.18 17.60 -10.27
CA ILE C 71 -1.65 17.66 -10.30
C ILE C 71 -2.23 16.39 -10.87
N CYS C 72 -3.01 15.70 -10.05
CA CYS C 72 -3.66 14.48 -10.50
C CYS C 72 -5.15 14.69 -10.46
N GLU C 73 -5.88 13.69 -10.98
CA GLU C 73 -7.32 13.81 -11.08
C GLU C 73 -7.93 12.44 -10.91
N ILE C 74 -9.11 12.40 -10.31
CA ILE C 74 -9.85 11.17 -10.11
C ILE C 74 -11.32 11.41 -10.45
N HIS C 75 -11.88 10.53 -11.26
CA HIS C 75 -13.29 10.57 -11.62
C HIS C 75 -14.03 9.58 -10.75
N VAL C 76 -15.11 10.06 -10.13
CA VAL C 76 -15.93 9.22 -9.28
C VAL C 76 -16.33 7.96 -10.05
N ALA C 77 -16.90 8.13 -11.24
CA ALA C 77 -17.45 6.98 -11.94
C ALA C 77 -16.35 6.00 -12.36
N LYS C 78 -15.15 6.52 -12.66
CA LYS C 78 -14.04 5.63 -12.99
C LYS C 78 -13.57 4.87 -11.75
N TYR C 79 -13.42 5.58 -10.63
CA TYR C 79 -13.07 4.93 -9.37
C TYR C 79 -14.08 3.84 -9.03
N ALA C 80 -15.37 4.17 -9.16
CA ALA C 80 -16.43 3.22 -8.83
C ALA C 80 -16.34 1.96 -9.70
N GLU C 81 -16.11 2.15 -11.00
CA GLU C 81 -16.03 0.98 -11.88
C GLU C 81 -14.79 0.16 -11.57
N ILE C 82 -13.68 0.81 -11.24
CA ILE C 82 -12.44 0.10 -10.98
C ILE C 82 -12.60 -0.82 -9.77
N PHE C 83 -13.19 -0.30 -8.69
CA PHE C 83 -13.27 -1.00 -7.42
C PHE C 83 -14.68 -1.55 -7.12
N GLY C 84 -15.54 -1.63 -8.13
CA GLY C 84 -16.90 -2.13 -7.91
C GLY C 84 -17.67 -1.44 -6.79
N LEU C 85 -17.69 -0.13 -6.79
CA LEU C 85 -18.45 0.67 -5.83
C LEU C 85 -19.61 1.36 -6.54
N THR C 86 -20.58 1.82 -5.74
CA THR C 86 -21.59 2.70 -6.26
C THR C 86 -21.03 4.09 -6.51
N SER C 87 -21.76 4.89 -7.29
CA SER C 87 -21.32 6.26 -7.49
C SER C 87 -21.32 6.99 -6.16
N ALA C 88 -22.36 6.79 -5.37
CA ALA C 88 -22.47 7.39 -4.05
C ALA C 88 -21.31 6.96 -3.16
N GLU C 89 -21.09 5.65 -3.01
CA GLU C 89 -20.04 5.19 -2.11
C GLU C 89 -18.65 5.53 -2.64
N ALA C 90 -18.45 5.53 -3.96
CA ALA C 90 -17.23 6.07 -4.51
C ALA C 90 -17.01 7.51 -4.06
N SER C 91 -18.00 8.37 -4.28
CA SER C 91 -17.94 9.75 -3.84
C SER C 91 -17.61 9.87 -2.35
N LYS C 92 -18.29 9.10 -1.50
CA LYS C 92 -18.00 9.13 -0.07
C LYS C 92 -16.57 8.71 0.23
N ASP C 93 -16.08 7.67 -0.44
CA ASP C 93 -14.74 7.18 -0.16
C ASP C 93 -13.71 8.21 -0.56
N ILE C 94 -13.84 8.73 -1.78
CA ILE C 94 -12.93 9.76 -2.27
C ILE C 94 -12.93 10.95 -1.32
N ARG C 95 -14.12 11.49 -1.02
CA ARG C 95 -14.22 12.70 -0.21
C ARG C 95 -13.56 12.50 1.15
N GLN C 96 -13.86 11.38 1.81
CA GLN C 96 -13.35 11.23 3.16
C GLN C 96 -11.87 10.91 3.17
N ALA C 97 -11.39 10.04 2.27
CA ALA C 97 -9.95 9.85 2.10
C ALA C 97 -9.24 11.20 1.92
N LEU C 98 -9.79 12.03 1.04
CA LEU C 98 -9.13 13.27 0.64
C LEU C 98 -9.03 14.21 1.82
N LYS C 99 -10.11 14.38 2.58
CA LYS C 99 -10.01 15.25 3.74
C LYS C 99 -9.24 14.58 4.87
N SER C 100 -9.05 13.27 4.82
CA SER C 100 -8.27 12.56 5.82
C SER C 100 -6.79 12.56 5.48
N PHE C 101 -6.40 13.12 4.34
CA PHE C 101 -4.99 13.25 4.02
C PHE C 101 -4.33 14.35 4.84
N ALA C 102 -5.10 15.37 5.24
CA ALA C 102 -4.56 16.52 5.94
C ALA C 102 -3.74 16.08 7.16
N GLY C 103 -2.51 16.58 7.24
CA GLY C 103 -1.62 16.23 8.31
C GLY C 103 -0.91 14.92 8.15
N LYS C 104 -1.33 14.08 7.21
CA LYS C 104 -0.63 12.82 6.98
C LYS C 104 0.74 13.09 6.37
N GLU C 105 1.71 12.28 6.75
CA GLU C 105 3.08 12.48 6.32
C GLU C 105 3.68 11.15 5.91
N VAL C 106 4.73 11.25 5.09
CA VAL C 106 5.38 10.08 4.52
C VAL C 106 6.85 10.28 4.85
N VAL C 107 7.51 9.22 5.29
CA VAL C 107 8.91 9.27 5.72
C VAL C 107 9.72 8.30 4.89
N PHE C 108 10.79 8.80 4.28
CA PHE C 108 11.74 7.95 3.58
C PHE C 108 13.03 7.89 4.38
N TYR C 109 13.43 6.67 4.73
CA TYR C 109 14.53 6.41 5.65
C TYR C 109 15.88 6.27 4.95
N ARG C 110 15.99 6.72 3.70
CA ARG C 110 17.21 6.58 2.91
C ARG C 110 17.64 5.12 2.78
N TYR C 121 16.37 10.21 7.92
CA TYR C 121 15.04 10.14 7.32
C TYR C 121 14.53 11.52 6.87
N GLU C 122 13.51 11.51 6.00
CA GLU C 122 12.94 12.72 5.44
C GLU C 122 11.44 12.59 5.35
N SER C 123 10.72 13.56 5.92
CA SER C 123 9.27 13.56 6.02
C SER C 123 8.69 14.61 5.10
N PHE C 124 7.60 14.25 4.42
CA PHE C 124 6.91 15.11 3.47
C PHE C 124 5.41 15.01 3.69
N PRO C 125 4.67 16.07 3.41
CA PRO C 125 3.22 15.96 3.33
C PRO C 125 2.83 15.42 1.97
N TRP C 126 1.75 14.62 1.98
CA TRP C 126 1.27 14.07 0.72
C TRP C 126 0.75 15.18 -0.17
N PHE C 127 -0.12 16.02 0.37
CA PHE C 127 -0.75 17.09 -0.38
C PHE C 127 -0.20 18.42 0.10
N ILE C 128 -0.04 19.37 -0.83
CA ILE C 128 0.41 20.71 -0.52
C ILE C 128 -0.64 21.75 -0.82
N LYS C 129 -1.84 21.32 -1.16
CA LYS C 129 -3.02 22.15 -1.41
C LYS C 129 -4.23 21.28 -1.15
N PRO C 130 -5.32 21.82 -0.64
CA PRO C 130 -6.51 21.00 -0.47
C PRO C 130 -6.98 20.49 -1.82
N ALA C 131 -7.61 19.32 -1.81
CA ALA C 131 -8.27 18.84 -3.01
C ALA C 131 -9.48 19.73 -3.32
N HIS C 132 -9.93 19.68 -4.58
CA HIS C 132 -11.09 20.47 -4.94
C HIS C 132 -11.67 19.86 -6.21
N SER C 133 -12.96 20.11 -6.41
CA SER C 133 -13.70 19.55 -7.51
C SER C 133 -14.04 20.67 -8.47
N PRO C 134 -13.37 20.78 -9.63
CA PRO C 134 -13.78 21.80 -10.60
C PRO C 134 -15.14 21.49 -11.20
N SER C 135 -15.40 20.22 -11.52
CA SER C 135 -16.67 19.84 -12.12
C SER C 135 -17.23 18.76 -11.21
N ARG C 136 -18.55 18.62 -11.22
CA ARG C 136 -19.21 17.60 -10.41
C ARG C 136 -18.82 16.18 -10.84
N GLY C 137 -18.38 15.38 -9.86
CA GLY C 137 -17.93 14.02 -10.08
C GLY C 137 -16.49 13.87 -10.45
N LEU C 138 -15.67 14.91 -10.26
CA LEU C 138 -14.30 14.97 -10.73
C LEU C 138 -13.54 15.66 -9.62
N TYR C 139 -12.39 15.12 -9.22
CA TYR C 139 -11.57 15.78 -8.22
C TYR C 139 -10.16 15.99 -8.73
N SER C 140 -9.59 17.13 -8.38
CA SER C 140 -8.23 17.49 -8.74
C SER C 140 -7.44 17.67 -7.45
N VAL C 141 -6.27 17.05 -7.38
CA VAL C 141 -5.50 17.02 -6.15
C VAL C 141 -4.07 17.41 -6.47
N HIS C 142 -3.40 18.01 -5.50
CA HIS C 142 -2.06 18.55 -5.67
C HIS C 142 -1.06 17.80 -4.79
N ILE C 143 -0.46 16.74 -5.35
CA ILE C 143 0.59 16.01 -4.65
C ILE C 143 1.84 16.86 -4.60
N ASN C 144 2.54 16.80 -3.46
CA ASN C 144 3.83 17.46 -3.29
C ASN C 144 4.73 17.10 -4.45
N PRO C 145 4.99 18.05 -5.36
CA PRO C 145 5.88 17.75 -6.49
C PRO C 145 7.27 17.32 -6.06
N TYR C 146 7.69 17.66 -4.84
CA TYR C 146 8.97 17.18 -4.35
C TYR C 146 8.96 15.67 -4.11
N LEU C 147 7.77 15.07 -4.13
CA LEU C 147 7.60 13.62 -4.03
C LEU C 147 7.79 12.93 -5.37
N ILE C 148 7.67 13.66 -6.50
CA ILE C 148 7.73 13.01 -7.81
C ILE C 148 8.89 12.02 -7.94
N PRO C 149 10.16 12.39 -7.67
CA PRO C 149 11.23 11.40 -7.90
C PRO C 149 11.14 10.16 -7.04
N PHE C 150 10.52 10.24 -5.85
CA PHE C 150 10.32 9.07 -5.00
C PHE C 150 9.28 8.11 -5.54
N PHE C 151 8.35 8.59 -6.36
CA PHE C 151 7.35 7.70 -6.92
C PHE C 151 7.96 6.89 -8.06
N ILE C 152 8.77 7.54 -8.89
CA ILE C 152 9.34 6.92 -10.07
C ILE C 152 10.56 6.09 -9.66
N ASN C 156 15.78 -1.90 -11.79
CA ASN C 156 16.34 -0.71 -11.16
C ASN C 156 15.73 -0.44 -9.79
N ARG C 157 15.60 -1.49 -8.96
CA ARG C 157 15.30 -1.30 -7.54
C ARG C 157 13.88 -0.79 -7.32
N PHE C 158 12.87 -1.53 -7.79
CA PHE C 158 11.50 -1.05 -7.85
C PHE C 158 10.55 -2.21 -7.61
N THR C 159 9.30 -1.87 -7.31
CA THR C 159 8.23 -2.78 -6.98
C THR C 159 7.09 -2.63 -7.99
N GLN C 160 6.46 -3.74 -8.38
CA GLN C 160 5.39 -3.65 -9.36
C GLN C 160 4.32 -4.72 -9.13
N PHE C 161 3.08 -4.33 -9.41
CA PHE C 161 1.92 -5.21 -9.24
C PHE C 161 0.78 -4.60 -10.05
N ARG C 162 -0.11 -5.45 -10.55
CA ARG C 162 -1.30 -4.94 -11.23
C ARG C 162 -2.39 -4.56 -10.23
N LEU C 163 -3.18 -3.53 -10.58
CA LEU C 163 -4.11 -3.00 -9.58
C LEU C 163 -5.18 -4.01 -9.25
N SER C 164 -5.56 -4.86 -10.20
CA SER C 164 -6.52 -5.91 -9.92
C SER C 164 -5.98 -6.86 -8.87
N GLU C 165 -4.66 -6.90 -8.72
CA GLU C 165 -4.01 -7.74 -7.72
C GLU C 165 -4.32 -7.29 -6.30
N THR C 166 -4.51 -5.99 -6.09
CA THR C 166 -4.65 -5.43 -4.74
C THR C 166 -6.02 -4.85 -4.44
N LYS C 167 -6.90 -4.75 -5.42
CA LYS C 167 -8.09 -3.94 -5.24
C LYS C 167 -9.17 -4.60 -4.39
N GLU C 168 -9.05 -5.87 -4.04
CA GLU C 168 -10.00 -6.45 -3.12
C GLU C 168 -9.49 -6.49 -1.68
N ILE C 169 -8.22 -6.18 -1.44
CA ILE C 169 -7.73 -6.13 -0.06
C ILE C 169 -8.41 -4.99 0.67
N THR C 170 -8.79 -5.24 1.93
CA THR C 170 -9.47 -4.25 2.76
C THR C 170 -8.56 -3.61 3.78
N ASN C 171 -7.76 -4.40 4.50
CA ASN C 171 -6.91 -3.86 5.56
C ASN C 171 -5.71 -3.15 4.96
N PRO C 172 -5.48 -1.87 5.30
CA PRO C 172 -4.36 -1.15 4.67
C PRO C 172 -3.01 -1.74 5.03
N TYR C 173 -2.87 -2.28 6.24
CA TYR C 173 -1.63 -2.95 6.60
C TYR C 173 -1.39 -4.15 5.71
N ALA C 174 -2.46 -4.83 5.26
CA ALA C 174 -2.25 -5.94 4.36
C ALA C 174 -1.84 -5.49 2.96
N MET C 175 -2.36 -4.35 2.48
CA MET C 175 -1.79 -3.77 1.27
C MET C 175 -0.32 -3.41 1.43
N ARG C 176 0.06 -2.83 2.57
N ARG C 176 0.06 -2.83 2.57
CA ARG C 176 1.47 -2.53 2.81
CA ARG C 176 1.47 -2.53 2.81
C ARG C 176 2.31 -3.79 2.77
C ARG C 176 2.32 -3.79 2.76
N LEU C 177 1.85 -4.85 3.43
CA LEU C 177 2.57 -6.11 3.41
C LEU C 177 2.64 -6.70 2.01
N TYR C 178 1.54 -6.63 1.25
CA TYR C 178 1.56 -7.20 -0.08
C TYR C 178 2.50 -6.42 -1.00
N GLU C 179 2.63 -5.11 -0.76
CA GLU C 179 3.56 -4.31 -1.55
C GLU C 179 4.99 -4.67 -1.19
N SER C 180 5.25 -4.83 0.11
CA SER C 180 6.59 -5.22 0.55
C SER C 180 6.98 -6.58 -0.01
N LEU C 181 6.03 -7.52 -0.07
CA LEU C 181 6.37 -8.81 -0.66
C LEU C 181 6.60 -8.69 -2.16
N CYS C 182 5.79 -7.87 -2.85
CA CYS C 182 5.99 -7.67 -4.27
C CYS C 182 7.39 -7.12 -4.54
N GLN C 183 7.88 -6.26 -3.65
CA GLN C 183 9.23 -5.72 -3.80
C GLN C 183 10.28 -6.82 -3.95
N TYR C 184 10.00 -8.00 -3.43
CA TYR C 184 10.93 -9.12 -3.48
C TYR C 184 10.46 -10.25 -4.40
N ARG C 185 9.51 -9.96 -5.30
N ARG C 185 9.54 -9.95 -5.32
CA ARG C 185 8.90 -10.97 -6.13
CA ARG C 185 8.89 -10.96 -6.14
C ARG C 185 9.73 -11.25 -7.37
C ARG C 185 9.72 -11.25 -7.38
N LYS C 186 9.89 -12.52 -7.68
CA LYS C 186 10.61 -12.96 -8.87
C LYS C 186 9.67 -12.99 -10.08
N PRO C 187 10.23 -12.96 -11.31
CA PRO C 187 9.39 -13.02 -12.52
C PRO C 187 8.27 -14.05 -12.50
N ASP C 188 8.59 -15.28 -12.09
CA ASP C 188 7.60 -16.35 -12.09
C ASP C 188 6.49 -16.13 -11.07
N GLY C 189 6.77 -15.44 -9.97
CA GLY C 189 5.69 -14.98 -9.13
C GLY C 189 5.87 -15.40 -7.69
N SER C 190 7.04 -15.94 -7.39
CA SER C 190 7.38 -16.45 -6.07
C SER C 190 8.44 -15.56 -5.44
N GLY C 191 8.64 -15.72 -4.14
CA GLY C 191 9.73 -15.01 -3.49
C GLY C 191 9.85 -15.39 -2.03
N ILE C 192 10.91 -14.88 -1.42
CA ILE C 192 11.21 -15.11 -0.01
C ILE C 192 11.98 -13.92 0.55
N VAL C 193 11.54 -13.47 1.74
CA VAL C 193 12.12 -12.28 2.38
C VAL C 193 11.90 -12.38 3.88
N SER C 194 12.86 -11.85 4.64
CA SER C 194 12.78 -11.80 6.10
C SER C 194 12.61 -10.35 6.50
N LEU C 195 11.48 -10.03 7.12
CA LEU C 195 11.21 -8.67 7.57
C LEU C 195 11.35 -8.57 9.08
N LYS C 196 12.02 -7.52 9.53
CA LYS C 196 12.20 -7.31 10.95
C LYS C 196 10.95 -6.70 11.56
N ILE C 197 10.61 -7.16 12.77
CA ILE C 197 9.35 -6.73 13.36
C ILE C 197 9.37 -5.25 13.65
N ASP C 198 10.46 -4.76 14.22
CA ASP C 198 10.56 -3.34 14.49
C ASP C 198 10.42 -2.54 13.22
N TRP C 199 11.02 -3.03 12.12
CA TRP C 199 10.91 -2.34 10.85
C TRP C 199 9.50 -2.40 10.29
N ILE C 200 8.81 -3.54 10.45
CA ILE C 200 7.40 -3.62 10.08
C ILE C 200 6.57 -2.60 10.84
N ILE C 201 6.82 -2.47 12.14
CA ILE C 201 6.02 -1.61 12.99
C ILE C 201 6.26 -0.15 12.63
N GLU C 202 7.52 0.22 12.45
N GLU C 202 7.52 0.22 12.42
CA GLU C 202 7.86 1.60 12.13
CA GLU C 202 7.83 1.63 12.14
C GLU C 202 7.40 1.98 10.72
C GLU C 202 7.50 2.02 10.71
N ARG C 203 7.57 1.08 9.76
CA ARG C 203 7.26 1.41 8.37
C ARG C 203 5.76 1.47 8.14
N TYR C 204 5.02 0.51 8.68
CA TYR C 204 3.58 0.51 8.47
C TYR C 204 2.86 1.34 9.51
N GLN C 205 3.60 1.90 10.47
N GLN C 205 3.60 1.90 10.47
CA GLN C 205 3.05 2.72 11.53
CA GLN C 205 3.05 2.72 11.54
C GLN C 205 1.92 1.99 12.26
C GLN C 205 1.91 1.99 12.25
N LEU C 206 2.15 0.72 12.54
CA LEU C 206 1.17 -0.10 13.25
C LEU C 206 0.84 0.55 14.61
N PRO C 207 -0.37 0.34 15.10
CA PRO C 207 -0.76 0.98 16.36
C PRO C 207 -0.07 0.33 17.55
N GLN C 208 -0.09 1.08 18.66
CA GLN C 208 0.84 0.83 19.75
C GLN C 208 0.63 -0.55 20.38
N SER C 209 -0.62 -0.99 20.47
CA SER C 209 -0.85 -2.29 21.08
C SER C 209 -0.29 -3.45 20.26
N TYR C 210 0.13 -3.23 19.02
CA TYR C 210 0.72 -4.34 18.29
C TYR C 210 2.20 -4.50 18.59
N GLN C 211 2.75 -3.64 19.45
CA GLN C 211 4.04 -3.92 20.07
C GLN C 211 3.96 -5.02 21.10
N ARG C 212 2.76 -5.40 21.51
CA ARG C 212 2.57 -6.63 22.27
C ARG C 212 2.36 -7.76 21.26
N MET C 213 3.29 -8.70 21.25
CA MET C 213 3.32 -9.70 20.17
C MET C 213 2.05 -10.52 19.98
N PRO C 214 1.33 -10.97 21.00
CA PRO C 214 0.10 -11.73 20.70
C PRO C 214 -0.93 -10.88 19.98
N ASP C 215 -0.98 -9.59 20.26
CA ASP C 215 -1.86 -8.72 19.51
C ASP C 215 -1.33 -8.49 18.10
N PHE C 216 -0.01 -8.37 17.94
CA PHE C 216 0.60 -8.28 16.63
C PHE C 216 0.20 -9.47 15.76
N ARG C 217 0.37 -10.68 16.31
CA ARG C 217 -0.04 -11.88 15.60
C ARG C 217 -1.52 -11.85 15.27
N ARG C 218 -2.36 -11.58 16.27
CA ARG C 218 -3.79 -11.87 16.10
C ARG C 218 -4.47 -10.84 15.21
N ARG C 219 -4.13 -9.56 15.36
CA ARG C 219 -4.90 -8.52 14.68
C ARG C 219 -4.21 -7.98 13.43
N PHE C 220 -2.93 -8.29 13.22
CA PHE C 220 -2.23 -7.86 12.02
C PHE C 220 -1.72 -9.02 11.19
N LEU C 221 -0.80 -9.83 11.73
CA LEU C 221 -0.12 -10.85 10.93
C LEU C 221 -1.09 -11.88 10.38
N GLN C 222 -1.83 -12.57 11.27
CA GLN C 222 -2.73 -13.62 10.81
C GLN C 222 -3.82 -13.06 9.91
N VAL C 223 -4.34 -11.85 10.24
CA VAL C 223 -5.45 -11.31 9.45
C VAL C 223 -4.94 -11.02 8.05
N CYS C 224 -3.74 -10.47 7.94
CA CYS C 224 -3.22 -10.07 6.63
C CYS C 224 -2.78 -11.29 5.84
N VAL C 225 -2.30 -12.34 6.48
CA VAL C 225 -2.03 -13.57 5.74
C VAL C 225 -3.33 -14.18 5.20
N ASN C 226 -4.36 -14.29 6.05
N ASN C 226 -4.36 -14.29 6.04
CA ASN C 226 -5.64 -14.80 5.58
CA ASN C 226 -5.63 -14.81 5.55
C ASN C 226 -6.20 -13.94 4.45
C ASN C 226 -6.20 -13.93 4.44
N GLU C 227 -6.15 -12.62 4.63
CA GLU C 227 -6.69 -11.70 3.64
C GLU C 227 -5.94 -11.84 2.30
N ILE C 228 -4.61 -11.76 2.33
CA ILE C 228 -3.80 -11.92 1.13
C ILE C 228 -4.09 -13.28 0.45
N ASN C 229 -4.08 -14.37 1.23
CA ASN C 229 -4.34 -15.69 0.66
C ASN C 229 -5.76 -15.86 0.11
N SER C 230 -6.72 -15.06 0.55
CA SER C 230 -8.09 -15.27 0.08
C SER C 230 -8.49 -14.27 -1.01
N ARG C 231 -7.75 -13.17 -1.15
CA ARG C 231 -8.18 -12.04 -1.95
C ARG C 231 -7.16 -11.64 -3.02
N THR C 232 -5.97 -12.24 -3.03
CA THR C 232 -4.93 -11.96 -4.01
C THR C 232 -4.58 -13.26 -4.74
N PRO C 233 -3.80 -13.20 -5.83
CA PRO C 233 -3.35 -14.46 -6.45
C PRO C 233 -2.18 -15.11 -5.76
N MET C 234 -1.42 -14.38 -4.95
N MET C 234 -1.45 -14.35 -4.94
CA MET C 234 -0.25 -14.95 -4.32
CA MET C 234 -0.30 -14.89 -4.23
C MET C 234 -0.66 -15.81 -3.12
C MET C 234 -0.74 -15.86 -3.14
N ARG C 235 0.02 -16.93 -2.98
CA ARG C 235 -0.25 -17.92 -1.95
C ARG C 235 0.85 -17.80 -0.91
N LEU C 236 0.50 -17.42 0.32
CA LEU C 236 1.47 -16.91 1.26
C LEU C 236 1.48 -17.78 2.50
N SER C 237 2.69 -18.06 2.96
CA SER C 237 2.96 -18.75 4.21
C SER C 237 4.06 -17.99 4.91
N TYR C 238 4.26 -18.33 6.17
CA TYR C 238 5.29 -17.65 6.94
C TYR C 238 5.72 -18.54 8.07
N ILE C 239 6.83 -18.13 8.68
CA ILE C 239 7.39 -18.78 9.86
C ILE C 239 8.05 -17.70 10.69
N GLU C 240 8.11 -17.92 12.00
CA GLU C 240 8.61 -16.91 12.91
C GLU C 240 10.07 -17.15 13.23
N LYS C 241 10.85 -16.07 13.26
CA LYS C 241 12.25 -16.14 13.64
C LYS C 241 12.38 -15.61 15.06
N LYS C 242 13.08 -16.35 15.90
CA LYS C 242 13.19 -15.99 17.29
C LYS C 242 14.65 -15.75 17.68
N LYS C 243 14.81 -14.98 18.75
CA LYS C 243 16.08 -14.72 19.40
C LYS C 243 15.79 -14.65 20.89
N GLY C 244 16.20 -15.68 21.61
CA GLY C 244 15.82 -15.77 23.02
C GLY C 244 14.33 -16.01 23.16
N ARG C 245 13.67 -15.24 24.02
CA ARG C 245 12.22 -15.37 24.10
C ARG C 245 11.48 -14.53 23.06
N GLN C 246 12.15 -13.53 22.48
CA GLN C 246 11.50 -12.58 21.56
C GLN C 246 11.51 -13.05 20.11
N THR C 247 10.41 -12.77 19.42
CA THR C 247 10.32 -13.00 17.99
C THR C 247 10.80 -11.70 17.33
N THR C 248 11.80 -11.82 16.45
CA THR C 248 12.50 -10.66 15.90
C THR C 248 12.21 -10.39 14.44
N HIS C 249 12.04 -11.42 13.63
CA HIS C 249 11.73 -11.25 12.22
C HIS C 249 10.56 -12.17 11.91
N ILE C 250 9.93 -11.91 10.77
CA ILE C 250 8.93 -12.79 10.20
C ILE C 250 9.45 -13.17 8.82
N VAL C 251 9.45 -14.46 8.52
CA VAL C 251 10.01 -14.95 7.27
C VAL C 251 8.88 -15.35 6.34
N PHE C 252 8.75 -14.64 5.24
CA PHE C 252 7.69 -14.87 4.28
C PHE C 252 8.25 -15.59 3.07
N SER C 253 7.57 -16.66 2.69
CA SER C 253 7.76 -17.35 1.42
C SER C 253 6.44 -17.30 0.71
N PHE C 254 6.49 -17.17 -0.61
CA PHE C 254 5.23 -17.11 -1.35
C PHE C 254 5.45 -17.65 -2.74
N ARG C 255 4.35 -18.09 -3.33
CA ARG C 255 4.29 -18.55 -4.69
C ARG C 255 3.05 -17.98 -5.35
N ASP C 256 2.96 -18.22 -6.65
CA ASP C 256 1.88 -17.72 -7.48
C ASP C 256 0.96 -18.89 -7.83
N ILE C 257 -0.34 -18.62 -7.94
CA ILE C 257 -1.33 -19.66 -8.23
C ILE C 257 -1.40 -20.04 -9.70
N THR C 258 -0.44 -19.58 -10.49
CA THR C 258 -0.20 -20.15 -11.82
C THR C 258 0.75 -21.34 -11.77
N SER C 259 1.05 -21.86 -10.57
CA SER C 259 1.95 -22.99 -10.41
C SER C 259 1.46 -23.89 -9.29
N MET C 260 2.13 -25.02 -9.13
CA MET C 260 1.78 -25.99 -8.09
C MET C 260 2.99 -26.38 -7.27
MG MG D . -16.78 3.34 1.79
#